data_7ODY
#
_entry.id   7ODY
#
_cell.length_a   53.590
_cell.length_b   91.370
_cell.length_c   114.280
_cell.angle_alpha   90.000
_cell.angle_beta   90.000
_cell.angle_gamma   90.000
#
_symmetry.space_group_name_H-M   'P 21 21 21'
#
loop_
_entity.id
_entity.type
_entity.pdbx_description
1 polymer 'MazG-like pyrophosphohydrolase (MazZ)'
2 non-polymer "2'-DEOXYGUANOSINE-5'-DIPHOSPHATE"
3 non-polymer 'MANGANESE (II) ION'
4 non-polymer 'SULFATE ION'
5 water water
#
_entity_poly.entity_id   1
_entity_poly.type   'polypeptide(L)'
_entity_poly.pdbx_seq_one_letter_code
;GTGDGSMPATVAELQAEIAAWIHPLNPDRRPGGTIAKLLEEIGELIASDRAHDPLEVADVLILALDLATLLGVDVTEAIR
AKLAINRARSWARADNGAMRHIPGSDTPSFP
;
_entity_poly.pdbx_strand_id   A,B,C,D
#
# COMPACT_ATOMS: atom_id res chain seq x y z
N PRO A 8 14.29 -5.67 -25.72
CA PRO A 8 13.56 -5.97 -24.50
C PRO A 8 13.72 -7.41 -24.04
N ALA A 9 13.88 -7.63 -22.76
CA ALA A 9 13.99 -8.98 -22.24
C ALA A 9 12.61 -9.55 -21.94
N THR A 10 12.52 -10.88 -21.93
CA THR A 10 11.29 -11.49 -21.46
C THR A 10 11.17 -11.28 -19.96
N VAL A 11 9.95 -11.32 -19.45
CA VAL A 11 9.74 -11.13 -18.03
CA VAL A 11 9.72 -11.14 -18.02
C VAL A 11 10.37 -12.27 -17.24
N ALA A 12 10.37 -13.49 -17.80
CA ALA A 12 11.00 -14.62 -17.11
C ALA A 12 12.50 -14.42 -16.98
N GLU A 13 13.13 -13.82 -17.99
CA GLU A 13 14.57 -13.55 -17.92
C GLU A 13 14.88 -12.49 -16.88
N LEU A 14 14.05 -11.45 -16.81
CA LEU A 14 14.26 -10.45 -15.77
C LEU A 14 14.05 -11.05 -14.39
N GLN A 15 13.04 -11.91 -14.22
CA GLN A 15 12.85 -12.59 -12.95
C GLN A 15 14.09 -13.40 -12.57
N ALA A 16 14.68 -14.07 -13.57
CA ALA A 16 15.84 -14.91 -13.30
C ALA A 16 17.05 -14.08 -12.88
N GLU A 17 17.24 -12.92 -13.51
CA GLU A 17 18.32 -12.02 -13.10
C GLU A 17 18.10 -11.47 -11.71
N ILE A 18 16.85 -11.08 -11.40
CA ILE A 18 16.55 -10.60 -10.06
C ILE A 18 16.85 -11.69 -9.03
N ALA A 19 16.34 -12.90 -9.28
CA ALA A 19 16.50 -14.00 -8.33
C ALA A 19 17.96 -14.35 -8.14
N ALA A 20 18.74 -14.35 -9.23
CA ALA A 20 20.15 -14.69 -9.14
C ALA A 20 20.93 -13.66 -8.34
N TRP A 21 20.44 -12.41 -8.30
CA TRP A 21 21.06 -11.38 -7.48
C TRP A 21 20.68 -11.51 -6.01
N ILE A 22 19.38 -11.65 -5.71
CA ILE A 22 18.93 -11.58 -4.32
C ILE A 22 19.16 -12.89 -3.58
N HIS A 23 19.11 -14.04 -4.26
CA HIS A 23 19.11 -15.32 -3.56
C HIS A 23 20.37 -15.53 -2.70
N PRO A 24 21.59 -15.24 -3.16
CA PRO A 24 22.74 -15.35 -2.24
C PRO A 24 22.63 -14.45 -1.02
N LEU A 25 21.99 -13.29 -1.14
CA LEU A 25 21.90 -12.36 -0.02
C LEU A 25 20.75 -12.68 0.92
N ASN A 26 19.66 -13.24 0.39
CA ASN A 26 18.40 -13.40 1.13
C ASN A 26 17.72 -14.68 0.65
N PRO A 27 18.33 -15.84 0.92
CA PRO A 27 17.82 -17.09 0.31
C PRO A 27 16.46 -17.52 0.85
N ASP A 28 16.14 -17.18 2.09
CA ASP A 28 14.87 -17.58 2.69
C ASP A 28 13.81 -16.48 2.63
N ARG A 29 13.97 -15.52 1.72
CA ARG A 29 12.99 -14.46 1.53
C ARG A 29 11.61 -15.04 1.25
N ARG A 30 10.60 -14.30 1.68
CA ARG A 30 9.22 -14.75 1.66
C ARG A 30 8.30 -13.72 1.03
N PRO A 31 7.10 -14.13 0.57
CA PRO A 31 6.17 -13.14 0.01
C PRO A 31 5.83 -12.00 0.95
N GLY A 32 5.64 -12.28 2.24
CA GLY A 32 5.26 -11.23 3.18
C GLY A 32 6.28 -10.10 3.25
N GLY A 33 7.55 -10.44 3.39
CA GLY A 33 8.58 -9.40 3.40
C GLY A 33 8.76 -8.72 2.05
N THR A 34 8.55 -9.47 0.97
CA THR A 34 8.64 -8.87 -0.37
C THR A 34 7.52 -7.85 -0.57
N ILE A 35 6.32 -8.18 -0.10
CA ILE A 35 5.20 -7.22 -0.16
C ILE A 35 5.48 -6.00 0.72
N ALA A 36 6.05 -6.22 1.89
CA ALA A 36 6.40 -5.12 2.77
C ALA A 36 7.36 -4.15 2.10
N LYS A 37 8.41 -4.69 1.48
CA LYS A 37 9.37 -3.84 0.78
C LYS A 37 8.74 -3.17 -0.46
N LEU A 38 7.91 -3.91 -1.20
CA LEU A 38 7.18 -3.34 -2.33
C LEU A 38 6.42 -2.09 -1.91
N LEU A 39 5.76 -2.15 -0.76
CA LEU A 39 5.00 -0.99 -0.31
C LEU A 39 5.93 0.18 0.05
N GLU A 40 7.09 -0.11 0.67
CA GLU A 40 8.08 0.94 0.88
C GLU A 40 8.44 1.62 -0.45
N GLU A 41 8.73 0.83 -1.48
CA GLU A 41 9.23 1.42 -2.72
C GLU A 41 8.13 2.14 -3.49
N ILE A 42 6.87 1.68 -3.40
CA ILE A 42 5.79 2.45 -3.98
C ILE A 42 5.68 3.80 -3.29
N GLY A 43 5.79 3.81 -1.96
CA GLY A 43 5.79 5.07 -1.22
C GLY A 43 6.85 6.03 -1.72
N GLU A 44 8.05 5.52 -2.02
CA GLU A 44 9.11 6.39 -2.52
C GLU A 44 8.73 7.02 -3.86
N LEU A 45 8.03 6.27 -4.71
CA LEU A 45 7.58 6.81 -5.98
C LEU A 45 6.56 7.93 -5.77
N ILE A 46 5.65 7.72 -4.81
CA ILE A 46 4.64 8.72 -4.49
C ILE A 46 5.30 10.02 -4.05
N ALA A 47 6.28 9.93 -3.15
CA ALA A 47 6.91 11.13 -2.60
C ALA A 47 7.94 11.75 -3.53
N SER A 48 8.31 11.05 -4.62
CA SER A 48 9.35 11.54 -5.50
C SER A 48 8.98 12.89 -6.09
N ASP A 49 9.94 13.82 -6.06
CA ASP A 49 9.86 15.10 -6.76
C ASP A 49 10.62 15.04 -8.07
N ARG A 50 10.48 13.94 -8.82
CA ARG A 50 11.24 13.73 -10.04
C ARG A 50 10.34 13.28 -11.17
N ASP A 53 10.84 8.67 -11.50
CA ASP A 53 12.16 8.40 -12.07
C ASP A 53 12.34 6.91 -12.33
N PRO A 54 13.12 6.56 -13.36
CA PRO A 54 13.18 5.15 -13.77
C PRO A 54 13.77 4.21 -12.72
N LEU A 55 14.71 4.68 -11.90
CA LEU A 55 15.28 3.77 -10.90
C LEU A 55 14.30 3.51 -9.75
N GLU A 56 13.40 4.46 -9.48
CA GLU A 56 12.36 4.19 -8.49
C GLU A 56 11.29 3.25 -9.05
N VAL A 57 10.86 3.48 -10.30
CA VAL A 57 9.99 2.50 -10.96
C VAL A 57 10.67 1.14 -10.96
N ALA A 58 11.99 1.12 -11.16
CA ALA A 58 12.69 -0.16 -11.18
C ALA A 58 12.58 -0.89 -9.85
N ASP A 59 12.68 -0.14 -8.73
CA ASP A 59 12.55 -0.77 -7.41
C ASP A 59 11.20 -1.46 -7.26
N VAL A 60 10.13 -0.79 -7.71
CA VAL A 60 8.80 -1.40 -7.63
C VAL A 60 8.74 -2.68 -8.44
N LEU A 61 9.26 -2.64 -9.68
CA LEU A 61 9.17 -3.78 -10.58
C LEU A 61 10.08 -4.92 -10.15
N ILE A 62 11.25 -4.60 -9.60
CA ILE A 62 12.13 -5.65 -9.08
C ILE A 62 11.39 -6.47 -8.02
N LEU A 63 10.67 -5.81 -7.12
CA LEU A 63 9.98 -6.53 -6.06
C LEU A 63 8.71 -7.21 -6.58
N ALA A 64 7.96 -6.55 -7.47
CA ALA A 64 6.74 -7.17 -7.97
C ALA A 64 7.05 -8.42 -8.80
N LEU A 65 8.12 -8.37 -9.60
CA LEU A 65 8.50 -9.57 -10.34
C LEU A 65 9.02 -10.68 -9.43
N ASP A 66 9.82 -10.32 -8.42
CA ASP A 66 10.32 -11.35 -7.51
C ASP A 66 9.20 -11.95 -6.68
N LEU A 67 8.18 -11.15 -6.38
CA LEU A 67 6.98 -11.70 -5.74
C LEU A 67 6.36 -12.79 -6.60
N ALA A 68 6.24 -12.56 -7.91
CA ALA A 68 5.74 -13.56 -8.82
C ALA A 68 6.60 -14.83 -8.79
N THR A 69 7.93 -14.66 -8.77
CA THR A 69 8.81 -15.81 -8.65
C THR A 69 8.53 -16.60 -7.38
N LEU A 70 8.42 -15.90 -6.24
CA LEU A 70 8.24 -16.58 -4.97
C LEU A 70 6.91 -17.30 -4.89
N LEU A 71 5.89 -16.79 -5.59
CA LEU A 71 4.56 -17.40 -5.60
C LEU A 71 4.39 -18.40 -6.74
N GLY A 72 5.44 -18.64 -7.53
CA GLY A 72 5.38 -19.62 -8.60
C GLY A 72 4.51 -19.25 -9.77
N VAL A 73 4.38 -17.97 -10.08
CA VAL A 73 3.44 -17.50 -11.09
C VAL A 73 4.15 -17.36 -12.42
N ASP A 74 3.57 -17.95 -13.46
CA ASP A 74 3.99 -17.74 -14.85
C ASP A 74 3.42 -16.40 -15.30
N VAL A 75 4.27 -15.37 -15.37
CA VAL A 75 3.77 -14.00 -15.50
C VAL A 75 3.09 -13.77 -16.85
N THR A 76 3.73 -14.20 -17.93
CA THR A 76 3.14 -14.01 -19.26
C THR A 76 1.78 -14.69 -19.33
N GLU A 77 1.69 -15.93 -18.85
CA GLU A 77 0.44 -16.67 -18.89
C GLU A 77 -0.62 -16.03 -18.00
N ALA A 78 -0.22 -15.61 -16.79
CA ALA A 78 -1.16 -15.03 -15.85
C ALA A 78 -1.70 -13.69 -16.35
N ILE A 79 -0.81 -12.84 -16.87
CA ILE A 79 -1.26 -11.54 -17.36
C ILE A 79 -2.19 -11.72 -18.56
N ARG A 80 -1.85 -12.62 -19.49
CA ARG A 80 -2.71 -12.82 -20.64
C ARG A 80 -4.05 -13.41 -20.21
N ALA A 81 -4.05 -14.32 -19.24
CA ALA A 81 -5.31 -14.88 -18.76
C ALA A 81 -6.17 -13.82 -18.10
N LYS A 82 -5.57 -12.92 -17.33
CA LYS A 82 -6.37 -11.87 -16.70
C LYS A 82 -6.82 -10.81 -17.71
N LEU A 83 -5.97 -10.47 -18.69
CA LEU A 83 -6.42 -9.56 -19.72
C LEU A 83 -7.61 -10.12 -20.48
N ALA A 84 -7.62 -11.43 -20.71
CA ALA A 84 -8.77 -12.05 -21.37
C ALA A 84 -10.03 -11.90 -20.54
N ILE A 85 -9.91 -12.09 -19.22
CA ILE A 85 -11.03 -11.87 -18.32
C ILE A 85 -11.46 -10.41 -18.35
N ASN A 86 -10.48 -9.49 -18.32
CA ASN A 86 -10.81 -8.07 -18.33
C ASN A 86 -11.49 -7.64 -19.63
N ARG A 87 -11.14 -8.26 -20.77
CA ARG A 87 -11.79 -7.92 -22.03
C ARG A 87 -13.26 -8.34 -22.02
N ALA A 88 -13.59 -9.42 -21.31
CA ALA A 88 -14.96 -9.89 -21.25
C ALA A 88 -15.82 -9.10 -20.27
N ARG A 89 -15.21 -8.38 -19.33
CA ARG A 89 -15.89 -7.52 -18.38
C ARG A 89 -16.25 -6.18 -19.00
N SER A 90 -17.23 -5.50 -18.39
CA SER A 90 -17.50 -4.09 -18.62
C SER A 90 -16.95 -3.27 -17.45
N TRP A 91 -16.70 -1.98 -17.70
CA TRP A 91 -15.93 -1.16 -16.76
C TRP A 91 -16.55 0.21 -16.53
N ALA A 92 -16.43 0.69 -15.29
CA ALA A 92 -16.84 2.02 -14.86
C ALA A 92 -15.64 2.75 -14.28
N ARG A 93 -15.60 4.08 -14.45
CA ARG A 93 -14.47 4.83 -13.92
C ARG A 93 -14.66 5.10 -12.44
N ALA A 94 -13.60 4.94 -11.68
CA ALA A 94 -13.62 5.17 -10.24
C ALA A 94 -13.13 6.59 -9.94
N ASP A 95 -13.45 7.07 -8.73
CA ASP A 95 -13.10 8.44 -8.37
C ASP A 95 -11.59 8.65 -8.34
N ASN A 96 -10.82 7.59 -8.10
CA ASN A 96 -9.36 7.74 -8.11
C ASN A 96 -8.77 7.80 -9.52
N GLY A 97 -9.59 7.65 -10.56
CA GLY A 97 -9.11 7.75 -11.92
C GLY A 97 -8.84 6.42 -12.58
N ALA A 98 -8.81 5.33 -11.82
CA ALA A 98 -8.69 4.00 -12.40
C ALA A 98 -10.10 3.47 -12.67
N MET A 99 -10.22 2.18 -12.98
CA MET A 99 -11.49 1.57 -13.35
C MET A 99 -11.86 0.49 -12.35
N ARG A 100 -13.15 0.19 -12.26
CA ARG A 100 -13.64 -0.97 -11.53
C ARG A 100 -14.63 -1.70 -12.40
N HIS A 101 -14.52 -3.03 -12.48
CA HIS A 101 -15.41 -3.77 -13.36
C HIS A 101 -16.82 -3.73 -12.81
N ILE A 102 -17.79 -3.80 -13.72
CA ILE A 102 -19.19 -3.72 -13.37
C ILE A 102 -19.63 -5.12 -12.92
N PRO A 103 -20.12 -5.30 -11.69
CA PRO A 103 -20.44 -6.65 -11.24
C PRO A 103 -21.61 -7.21 -12.03
N GLY A 104 -21.47 -8.47 -12.45
CA GLY A 104 -22.47 -9.16 -13.26
C GLY A 104 -22.37 -8.93 -14.76
N SER A 105 -21.42 -8.11 -15.22
CA SER A 105 -21.38 -7.68 -16.61
C SER A 105 -20.57 -8.59 -17.52
N ASP A 106 -20.11 -9.75 -17.03
CA ASP A 106 -19.28 -10.64 -17.83
C ASP A 106 -19.96 -11.01 -19.14
N THR A 107 -19.33 -10.70 -20.26
CA THR A 107 -19.85 -11.16 -21.55
C THR A 107 -19.63 -12.66 -21.64
N PRO A 108 -20.68 -13.48 -21.78
CA PRO A 108 -20.62 -14.94 -21.83
C PRO A 108 -20.29 -15.47 -23.22
N PRO B 8 9.21 -15.94 -27.47
N PRO B 8 5.85 -16.54 -22.78
CA PRO B 8 8.29 -15.56 -26.39
CA PRO B 8 7.23 -16.20 -22.44
C PRO B 8 8.17 -14.06 -26.21
C PRO B 8 7.62 -14.92 -23.16
N ALA B 9 7.06 -13.64 -25.61
N ALA B 9 6.87 -13.84 -22.94
CA ALA B 9 6.76 -12.21 -25.48
CA ALA B 9 6.91 -12.69 -23.81
C ALA B 9 7.65 -11.56 -24.43
C ALA B 9 7.95 -11.69 -23.32
N THR B 10 8.11 -10.35 -24.73
N THR B 10 8.35 -10.79 -24.20
CA THR B 10 8.98 -9.56 -23.86
CA THR B 10 9.12 -9.66 -23.71
C THR B 10 8.13 -8.70 -22.92
C THR B 10 8.19 -8.75 -22.93
N VAL B 11 8.79 -8.07 -21.94
CA VAL B 11 8.05 -7.16 -21.08
C VAL B 11 7.42 -6.03 -21.88
N ALA B 12 8.12 -5.57 -22.92
CA ALA B 12 7.57 -4.53 -23.78
C ALA B 12 6.31 -4.99 -24.49
N GLU B 13 6.28 -6.26 -24.90
CA GLU B 13 5.08 -6.76 -25.57
C GLU B 13 3.92 -6.90 -24.59
N LEU B 14 4.18 -7.31 -23.34
CA LEU B 14 3.10 -7.34 -22.34
C LEU B 14 2.61 -5.93 -22.05
N GLN B 15 3.52 -4.96 -21.94
CA GLN B 15 3.12 -3.57 -21.79
C GLN B 15 2.22 -3.13 -22.94
N ALA B 16 2.58 -3.51 -24.16
CA ALA B 16 1.76 -3.14 -25.32
C ALA B 16 0.37 -3.75 -25.23
N GLU B 17 0.28 -5.02 -24.81
CA GLU B 17 -1.02 -5.68 -24.70
C GLU B 17 -1.87 -5.04 -23.61
N ILE B 18 -1.26 -4.69 -22.47
CA ILE B 18 -1.99 -4.01 -21.40
C ILE B 18 -2.51 -2.66 -21.89
N ALA B 19 -1.63 -1.87 -22.49
CA ALA B 19 -2.00 -0.54 -22.98
C ALA B 19 -3.15 -0.62 -23.99
N ALA B 20 -3.10 -1.60 -24.89
CA ALA B 20 -4.14 -1.74 -25.91
C ALA B 20 -5.49 -2.07 -25.27
N TRP B 21 -5.49 -2.75 -24.12
CA TRP B 21 -6.74 -3.05 -23.44
C TRP B 21 -7.25 -1.83 -22.66
N ILE B 22 -6.39 -1.18 -21.88
CA ILE B 22 -6.88 -0.15 -20.96
C ILE B 22 -7.12 1.17 -21.67
N HIS B 23 -6.32 1.51 -22.69
CA HIS B 23 -6.38 2.86 -23.24
C HIS B 23 -7.77 3.24 -23.75
N PRO B 24 -8.50 2.41 -24.50
CA PRO B 24 -9.86 2.81 -24.92
C PRO B 24 -10.81 2.98 -23.75
N LEU B 25 -10.58 2.26 -22.64
CA LEU B 25 -11.47 2.36 -21.49
C LEU B 25 -11.15 3.56 -20.62
N ASN B 26 -9.88 3.95 -20.59
CA ASN B 26 -9.39 4.98 -19.68
C ASN B 26 -8.40 5.84 -20.45
N PRO B 27 -8.88 6.62 -21.44
CA PRO B 27 -7.95 7.32 -22.33
C PRO B 27 -7.12 8.41 -21.67
N ASP B 28 -7.50 8.87 -20.47
CA ASP B 28 -6.70 9.87 -19.77
C ASP B 28 -6.09 9.31 -18.48
N ARG B 29 -5.80 8.01 -18.46
CA ARG B 29 -5.23 7.38 -17.27
C ARG B 29 -3.89 8.02 -16.91
N ARG B 30 -3.60 8.10 -15.62
CA ARG B 30 -2.35 8.74 -15.22
C ARG B 30 -1.68 8.01 -14.06
N PRO B 31 -0.40 8.31 -13.79
CA PRO B 31 0.34 7.59 -12.73
C PRO B 31 -0.37 7.56 -11.37
N GLY B 32 -0.99 8.67 -10.96
CA GLY B 32 -1.60 8.71 -9.63
C GLY B 32 -2.70 7.68 -9.45
N GLY B 33 -3.65 7.65 -10.39
CA GLY B 33 -4.72 6.66 -10.30
C GLY B 33 -4.22 5.25 -10.49
N THR B 34 -3.14 5.09 -11.26
CA THR B 34 -2.58 3.76 -11.44
C THR B 34 -1.90 3.27 -10.16
N ILE B 35 -1.17 4.14 -9.46
CA ILE B 35 -0.63 3.78 -8.15
C ILE B 35 -1.75 3.48 -7.18
N ALA B 36 -2.83 4.28 -7.23
CA ALA B 36 -3.95 4.02 -6.34
C ALA B 36 -4.55 2.65 -6.58
N LYS B 37 -4.67 2.25 -7.86
CA LYS B 37 -5.23 0.94 -8.15
C LYS B 37 -4.24 -0.16 -7.79
N LEU B 38 -2.95 0.09 -7.99
CA LEU B 38 -1.93 -0.89 -7.60
C LEU B 38 -2.01 -1.21 -6.10
N LEU B 39 -2.23 -0.18 -5.27
CA LEU B 39 -2.34 -0.41 -3.84
C LEU B 39 -3.58 -1.25 -3.51
N GLU B 40 -4.69 -1.00 -4.21
CA GLU B 40 -5.88 -1.84 -4.02
C GLU B 40 -5.54 -3.31 -4.30
N GLU B 41 -4.83 -3.56 -5.39
CA GLU B 41 -4.59 -4.94 -5.82
C GLU B 41 -3.56 -5.64 -4.95
N ILE B 42 -2.55 -4.91 -4.47
CA ILE B 42 -1.65 -5.48 -3.47
C ILE B 42 -2.43 -5.85 -2.22
N GLY B 43 -3.38 -5.01 -1.83
CA GLY B 43 -4.22 -5.35 -0.69
C GLY B 43 -4.97 -6.65 -0.91
N GLU B 44 -5.50 -6.85 -2.12
CA GLU B 44 -6.24 -8.09 -2.38
C GLU B 44 -5.33 -9.29 -2.29
N LEU B 45 -4.09 -9.16 -2.76
CA LEU B 45 -3.14 -10.25 -2.64
C LEU B 45 -2.85 -10.57 -1.19
N ILE B 46 -2.74 -9.53 -0.34
CA ILE B 46 -2.49 -9.75 1.07
C ILE B 46 -3.63 -10.53 1.71
N ALA B 47 -4.86 -10.13 1.39
CA ALA B 47 -6.03 -10.73 2.03
C ALA B 47 -6.38 -12.08 1.45
N SER B 48 -5.88 -12.43 0.32
CA SER B 48 -6.21 -13.70 -0.29
C SER B 48 -5.80 -14.87 0.59
N ASP B 49 -6.63 -15.88 0.57
CA ASP B 49 -6.40 -17.09 1.33
C ASP B 49 -5.91 -18.20 0.41
N ARG B 50 -5.54 -17.86 -0.82
CA ARG B 50 -5.04 -18.84 -1.76
C ARG B 50 -3.55 -18.81 -1.76
N ASP B 53 -2.16 -17.83 -6.26
CA ASP B 53 -3.19 -16.91 -6.76
C ASP B 53 -2.65 -16.12 -7.94
N PRO B 54 -2.45 -16.79 -9.08
CA PRO B 54 -1.84 -16.11 -10.23
C PRO B 54 -2.62 -14.92 -10.74
N LEU B 55 -3.94 -14.92 -10.64
CA LEU B 55 -4.70 -13.78 -11.17
C LEU B 55 -4.59 -12.54 -10.29
N GLU B 56 -4.36 -12.67 -8.97
CA GLU B 56 -4.11 -11.47 -8.18
C GLU B 56 -2.70 -10.95 -8.41
N VAL B 57 -1.72 -11.85 -8.52
CA VAL B 57 -0.40 -11.41 -8.95
C VAL B 57 -0.50 -10.72 -10.32
N ALA B 58 -1.33 -11.25 -11.21
CA ALA B 58 -1.51 -10.61 -12.52
C ALA B 58 -2.04 -9.20 -12.37
N ASP B 59 -2.98 -8.98 -11.45
CA ASP B 59 -3.51 -7.63 -11.27
C ASP B 59 -2.42 -6.67 -10.82
N VAL B 60 -1.54 -7.12 -9.92
CA VAL B 60 -0.45 -6.27 -9.45
C VAL B 60 0.49 -5.95 -10.59
N LEU B 61 0.87 -6.96 -11.37
CA LEU B 61 1.84 -6.73 -12.44
C LEU B 61 1.24 -5.96 -13.60
N ILE B 62 -0.06 -6.13 -13.88
CA ILE B 62 -0.68 -5.34 -14.93
C ILE B 62 -0.55 -3.86 -14.62
N LEU B 63 -0.79 -3.50 -13.36
CA LEU B 63 -0.71 -2.08 -12.98
C LEU B 63 0.74 -1.60 -12.89
N ALA B 64 1.64 -2.42 -12.38
CA ALA B 64 3.02 -1.99 -12.24
C ALA B 64 3.68 -1.82 -13.61
N LEU B 65 3.42 -2.74 -14.54
CA LEU B 65 3.98 -2.58 -15.88
C LEU B 65 3.35 -1.37 -16.58
N ASP B 66 2.05 -1.15 -16.40
CA ASP B 66 1.43 0.02 -17.04
C ASP B 66 1.94 1.32 -16.44
N LEU B 67 2.25 1.32 -15.13
CA LEU B 67 2.86 2.51 -14.53
C LEU B 67 4.17 2.85 -15.23
N ALA B 68 5.01 1.86 -15.51
CA ALA B 68 6.25 2.13 -16.23
C ALA B 68 5.94 2.72 -17.61
N THR B 69 4.94 2.18 -18.30
CA THR B 69 4.54 2.72 -19.60
C THR B 69 4.20 4.20 -19.49
N LEU B 70 3.36 4.56 -18.51
CA LEU B 70 2.92 5.94 -18.35
C LEU B 70 4.07 6.88 -17.98
N LEU B 71 5.08 6.36 -17.28
CA LEU B 71 6.22 7.18 -16.89
C LEU B 71 7.36 7.12 -17.89
N GLY B 72 7.16 6.45 -19.03
CA GLY B 72 8.17 6.40 -20.07
C GLY B 72 9.41 5.60 -19.71
N VAL B 73 9.26 4.58 -18.89
CA VAL B 73 10.39 3.82 -18.36
C VAL B 73 10.61 2.59 -19.24
N ASP B 74 11.84 2.44 -19.75
CA ASP B 74 12.26 1.21 -20.40
C ASP B 74 12.51 0.16 -19.32
N VAL B 75 11.64 -0.84 -19.24
CA VAL B 75 11.62 -1.72 -18.07
C VAL B 75 12.89 -2.57 -18.00
N THR B 76 13.27 -3.15 -19.13
CA THR B 76 14.49 -3.97 -19.16
C THR B 76 15.70 -3.16 -18.75
N GLU B 77 15.85 -2.00 -19.31
CA GLU B 77 17.05 -1.22 -19.04
C GLU B 77 17.04 -0.66 -17.61
N ALA B 78 15.86 -0.25 -17.14
CA ALA B 78 15.79 0.31 -15.80
C ALA B 78 16.04 -0.77 -14.74
N ILE B 79 15.49 -1.96 -14.92
CA ILE B 79 15.74 -3.02 -13.95
C ILE B 79 17.21 -3.41 -13.95
N ARG B 80 17.80 -3.55 -15.14
CA ARG B 80 19.20 -3.95 -15.20
C ARG B 80 20.11 -2.86 -14.63
N ALA B 81 19.76 -1.60 -14.84
CA ALA B 81 20.55 -0.51 -14.28
C ALA B 81 20.46 -0.47 -12.75
N LYS B 82 19.27 -0.71 -12.18
CA LYS B 82 19.17 -0.70 -10.72
C LYS B 82 19.78 -1.95 -10.11
N LEU B 83 19.69 -3.09 -10.78
CA LEU B 83 20.38 -4.27 -10.27
C LEU B 83 21.88 -4.03 -10.22
N ALA B 84 22.44 -3.33 -11.22
CA ALA B 84 23.87 -3.03 -11.20
C ALA B 84 24.22 -2.13 -10.01
N ILE B 85 23.35 -1.16 -9.72
CA ILE B 85 23.52 -0.35 -8.51
C ILE B 85 23.41 -1.23 -7.26
N ASN B 86 22.45 -2.15 -7.25
CA ASN B 86 22.26 -3.00 -6.08
C ASN B 86 23.46 -3.91 -5.84
N ARG B 87 24.09 -4.40 -6.92
CA ARG B 87 25.28 -5.24 -6.75
C ARG B 87 26.43 -4.46 -6.13
N ALA B 88 26.49 -3.16 -6.37
CA ALA B 88 27.56 -2.34 -5.82
C ALA B 88 27.31 -1.94 -4.37
N ARG B 89 26.12 -2.20 -3.83
CA ARG B 89 25.79 -1.85 -2.46
C ARG B 89 26.11 -2.99 -1.50
N SER B 90 26.23 -2.64 -0.22
CA SER B 90 26.25 -3.59 0.88
C SER B 90 24.87 -3.60 1.54
N TRP B 91 24.48 -4.75 2.08
CA TRP B 91 23.10 -4.96 2.50
C TRP B 91 23.01 -5.49 3.93
N ALA B 92 22.01 -4.99 4.66
CA ALA B 92 21.64 -5.49 5.97
C ALA B 92 20.22 -6.06 5.92
N ARG B 93 19.98 -7.09 6.72
CA ARG B 93 18.63 -7.64 6.79
C ARG B 93 17.74 -6.74 7.63
N ALA B 94 16.56 -6.42 7.12
CA ALA B 94 15.60 -5.60 7.84
C ALA B 94 14.63 -6.50 8.60
N ASP B 95 13.99 -5.94 9.63
CA ASP B 95 13.09 -6.73 10.47
C ASP B 95 11.94 -7.36 9.68
N ASN B 96 11.50 -6.73 8.57
CA ASN B 96 10.40 -7.30 7.79
C ASN B 96 10.83 -8.49 6.94
N GLY B 97 12.11 -8.86 6.95
CA GLY B 97 12.61 -9.96 6.15
C GLY B 97 13.17 -9.56 4.81
N ALA B 98 13.01 -8.31 4.39
CA ALA B 98 13.63 -7.81 3.18
C ALA B 98 15.01 -7.23 3.57
N MET B 99 15.63 -6.46 2.69
CA MET B 99 16.93 -5.86 2.97
CA MET B 99 16.94 -5.88 2.93
C MET B 99 16.89 -4.36 2.83
N ARG B 100 17.85 -3.70 3.47
CA ARG B 100 18.10 -2.27 3.33
C ARG B 100 19.60 -2.07 3.12
N HIS B 101 19.97 -1.25 2.14
CA HIS B 101 21.40 -1.07 1.86
C HIS B 101 22.07 -0.22 2.93
N ILE B 102 23.36 -0.47 3.14
CA ILE B 102 24.14 0.26 4.13
C ILE B 102 24.66 1.54 3.48
N PRO B 103 24.35 2.72 4.03
CA PRO B 103 24.77 4.00 3.47
C PRO B 103 26.29 4.16 3.46
N SER C 6 -3.57 11.27 30.31
CA SER C 6 -4.96 10.86 30.10
C SER C 6 -5.03 9.43 29.58
N MET C 7 -6.13 8.72 29.93
CA MET C 7 -6.29 7.31 29.55
C MET C 7 -7.78 6.98 29.50
N PRO C 8 -8.36 6.75 28.29
CA PRO C 8 -7.70 6.84 26.98
C PRO C 8 -7.53 8.31 26.58
N ALA C 9 -6.48 8.62 25.83
CA ALA C 9 -6.27 10.00 25.41
C ALA C 9 -7.26 10.40 24.33
N THR C 10 -7.53 11.75 24.27
CA THR C 10 -8.24 12.19 23.09
C THR C 10 -7.33 12.09 21.88
N VAL C 11 -7.94 11.85 20.71
CA VAL C 11 -7.16 11.75 19.48
CA VAL C 11 -7.16 11.75 19.48
C VAL C 11 -6.32 13.02 19.28
N ALA C 12 -6.88 14.20 19.65
CA ALA C 12 -6.13 15.45 19.46
C ALA C 12 -4.93 15.51 20.41
N GLU C 13 -5.07 14.99 21.62
CA GLU C 13 -3.93 14.92 22.53
C GLU C 13 -2.86 13.98 22.00
N LEU C 14 -3.26 12.86 21.38
CA LEU C 14 -2.25 11.99 20.76
C LEU C 14 -1.55 12.69 19.60
N GLN C 15 -2.31 13.39 18.76
CA GLN C 15 -1.70 14.15 17.67
C GLN C 15 -0.71 15.15 18.22
N ALA C 16 -1.05 15.78 19.35
CA ALA C 16 -0.15 16.77 19.93
C ALA C 16 1.11 16.12 20.46
N GLU C 17 0.99 14.95 21.10
CA GLU C 17 2.17 14.24 21.59
C GLU C 17 3.06 13.78 20.44
N ILE C 18 2.45 13.30 19.34
CA ILE C 18 3.22 12.93 18.17
C ILE C 18 3.96 14.14 17.63
N ALA C 19 3.24 15.25 17.48
CA ALA C 19 3.81 16.46 16.90
C ALA C 19 4.94 17.02 17.77
N ALA C 20 4.79 16.93 19.09
CA ALA C 20 5.86 17.40 19.98
C ALA C 20 7.15 16.62 19.78
N TRP C 21 7.05 15.34 19.42
CA TRP C 21 8.27 14.59 19.12
C TRP C 21 8.84 14.95 17.74
N ILE C 22 7.99 14.99 16.71
CA ILE C 22 8.47 15.11 15.32
C ILE C 22 8.80 16.55 14.94
N HIS C 23 8.09 17.54 15.48
CA HIS C 23 8.30 18.91 15.00
C HIS C 23 9.74 19.41 15.17
N PRO C 24 10.44 19.14 16.27
CA PRO C 24 11.85 19.55 16.34
C PRO C 24 12.73 18.89 15.30
N LEU C 25 12.35 17.71 14.80
CA LEU C 25 13.19 16.94 13.89
C LEU C 25 12.82 17.15 12.42
N ASN C 26 11.55 17.41 12.13
CA ASN C 26 11.08 17.47 10.75
C ASN C 26 9.94 18.49 10.67
N PRO C 27 10.22 19.76 10.93
CA PRO C 27 9.13 20.73 11.08
C PRO C 27 8.37 20.99 9.80
N ASP C 28 9.01 20.85 8.64
CA ASP C 28 8.36 21.13 7.38
C ASP C 28 8.00 19.85 6.61
N ARG C 29 7.83 18.74 7.33
CA ARG C 29 7.36 17.51 6.74
C ARG C 29 6.04 17.73 6.00
N ARG C 30 5.80 16.92 4.98
CA ARG C 30 4.64 17.06 4.13
C ARG C 30 3.80 15.79 4.01
N PRO C 31 2.60 15.93 3.50
CA PRO C 31 1.75 14.73 3.39
C PRO C 31 2.33 13.62 2.53
N GLY C 32 3.00 13.97 1.43
CA GLY C 32 3.51 12.94 0.53
C GLY C 32 4.54 12.04 1.20
N GLY C 33 5.52 12.63 1.89
CA GLY C 33 6.50 11.82 2.60
C GLY C 33 5.88 11.06 3.75
N THR C 34 4.85 11.63 4.38
CA THR C 34 4.15 10.96 5.47
C THR C 34 3.40 9.73 4.97
N ILE C 35 2.72 9.85 3.81
CA ILE C 35 2.06 8.70 3.19
C ILE C 35 3.09 7.65 2.79
N ALA C 36 4.22 8.09 2.24
CA ALA C 36 5.26 7.13 1.88
C ALA C 36 5.74 6.34 3.10
N LYS C 37 5.94 7.02 4.23
CA LYS C 37 6.37 6.31 5.43
C LYS C 37 5.25 5.45 5.97
N LEU C 38 4.01 5.92 5.87
CA LEU C 38 2.86 5.11 6.28
C LEU C 38 2.83 3.77 5.53
N LEU C 39 3.11 3.79 4.22
CA LEU C 39 3.12 2.55 3.45
C LEU C 39 4.25 1.63 3.90
N GLU C 40 5.44 2.17 4.16
CA GLU C 40 6.50 1.37 4.77
C GLU C 40 6.01 0.65 6.02
N GLU C 41 5.35 1.40 6.92
CA GLU C 41 5.01 0.85 8.22
C GLU C 41 3.88 -0.16 8.14
N ILE C 42 2.90 0.08 7.25
CA ILE C 42 1.88 -0.94 6.96
C ILE C 42 2.54 -2.20 6.44
N GLY C 43 3.54 -2.06 5.58
CA GLY C 43 4.29 -3.22 5.13
C GLY C 43 4.90 -4.00 6.29
N GLU C 44 5.54 -3.30 7.23
CA GLU C 44 6.13 -3.97 8.39
C GLU C 44 5.08 -4.74 9.18
N LEU C 45 3.89 -4.15 9.31
CA LEU C 45 2.81 -4.83 10.02
C LEU C 45 2.40 -6.11 9.30
N ILE C 46 2.32 -6.06 7.97
CA ILE C 46 1.97 -7.24 7.19
C ILE C 46 3.00 -8.34 7.40
N ALA C 47 4.28 -7.98 7.38
CA ALA C 47 5.36 -8.96 7.48
C ALA C 47 5.62 -9.42 8.91
N SER C 48 5.00 -8.79 9.90
CA SER C 48 5.28 -9.11 11.30
C SER C 48 4.84 -10.53 11.61
N ASP C 49 5.78 -11.38 12.02
CA ASP C 49 5.47 -12.72 12.47
C ASP C 49 4.92 -12.75 13.89
N ARG C 50 5.13 -11.67 14.63
CA ARG C 50 4.76 -11.64 16.05
C ARG C 50 3.25 -11.69 16.17
N ALA C 51 2.74 -12.67 16.92
CA ALA C 51 1.30 -12.83 17.10
C ALA C 51 0.66 -11.52 17.54
N HIS C 52 1.33 -10.80 18.44
CA HIS C 52 0.90 -9.47 18.86
C HIS C 52 2.05 -8.51 18.60
N ASP C 53 1.76 -7.44 17.89
CA ASP C 53 2.76 -6.41 17.56
C ASP C 53 2.14 -5.03 17.75
N PRO C 54 1.97 -4.59 19.00
CA PRO C 54 1.40 -3.26 19.23
C PRO C 54 2.30 -2.12 18.78
N LEU C 55 3.62 -2.32 18.73
CA LEU C 55 4.50 -1.22 18.34
C LEU C 55 4.48 -1.00 16.84
N GLU C 56 4.18 -2.05 16.06
CA GLU C 56 4.01 -1.84 14.64
C GLU C 56 2.68 -1.16 14.34
N VAL C 57 1.61 -1.53 15.07
CA VAL C 57 0.37 -0.76 14.97
C VAL C 57 0.61 0.70 15.35
N ALA C 58 1.44 0.92 16.38
CA ALA C 58 1.73 2.29 16.81
C ALA C 58 2.40 3.08 15.69
N ASP C 59 3.34 2.47 14.96
CA ASP C 59 3.99 3.19 13.86
C ASP C 59 2.97 3.62 12.82
N VAL C 60 2.03 2.72 12.49
CA VAL C 60 0.99 3.04 11.51
C VAL C 60 0.16 4.21 11.99
N LEU C 61 -0.26 4.17 13.26
CA LEU C 61 -1.13 5.21 13.79
C LEU C 61 -0.39 6.51 14.02
N ILE C 62 0.90 6.47 14.39
CA ILE C 62 1.69 7.69 14.53
C ILE C 62 1.66 8.47 13.21
N LEU C 63 1.80 7.77 12.09
CA LEU C 63 1.84 8.44 10.80
C LEU C 63 0.46 8.85 10.33
N ALA C 64 -0.56 7.99 10.54
CA ALA C 64 -1.91 8.33 10.09
C ALA C 64 -2.47 9.53 10.87
N LEU C 65 -2.24 9.57 12.19
CA LEU C 65 -2.72 10.69 13.00
C LEU C 65 -1.97 11.97 12.63
N ASP C 66 -0.66 11.86 12.39
CA ASP C 66 0.10 13.04 12.00
C ASP C 66 -0.23 13.51 10.59
N LEU C 67 -0.61 12.58 9.70
CA LEU C 67 -1.14 12.98 8.40
C LEU C 67 -2.36 13.89 8.57
N ALA C 68 -3.26 13.53 9.48
CA ALA C 68 -4.41 14.39 9.75
C ALA C 68 -3.97 15.77 10.22
N THR C 69 -2.98 15.82 11.11
CA THR C 69 -2.45 17.11 11.57
C THR C 69 -1.95 17.95 10.40
N LEU C 70 -1.17 17.35 9.50
CA LEU C 70 -0.62 18.11 8.39
C LEU C 70 -1.68 18.62 7.43
N LEU C 71 -2.77 17.87 7.27
CA LEU C 71 -3.85 18.24 6.38
C LEU C 71 -4.91 19.11 7.07
N GLY C 72 -4.72 19.43 8.34
CA GLY C 72 -5.64 20.31 9.04
C GLY C 72 -6.98 19.67 9.31
N VAL C 73 -7.01 18.34 9.48
CA VAL C 73 -8.25 17.59 9.59
C VAL C 73 -8.58 17.37 11.05
N ASP C 74 -9.82 17.72 11.44
CA ASP C 74 -10.33 17.42 12.78
C ASP C 74 -10.74 15.96 12.80
N VAL C 75 -9.99 15.11 13.53
CA VAL C 75 -10.18 13.67 13.39
C VAL C 75 -11.56 13.26 13.90
N THR C 76 -11.98 13.82 15.04
CA THR C 76 -13.29 13.47 15.60
C THR C 76 -14.41 13.84 14.64
N GLU C 77 -14.37 15.07 14.10
CA GLU C 77 -15.44 15.52 13.21
C GLU C 77 -15.43 14.73 11.91
N ALA C 78 -14.25 14.46 11.35
CA ALA C 78 -14.17 13.77 10.07
C ALA C 78 -14.64 12.33 10.19
N ILE C 79 -14.19 11.62 11.23
CA ILE C 79 -14.61 10.23 11.41
C ILE C 79 -16.11 10.16 11.65
N ARG C 80 -16.62 11.02 12.51
CA ARG C 80 -18.07 10.95 12.76
C ARG C 80 -18.88 11.37 11.53
N ALA C 81 -18.40 12.35 10.76
CA ALA C 81 -19.11 12.73 9.54
C ALA C 81 -19.13 11.59 8.53
N LYS C 82 -18.01 10.88 8.37
CA LYS C 82 -17.99 9.79 7.39
C LYS C 82 -18.75 8.57 7.90
N LEU C 83 -18.73 8.32 9.21
CA LEU C 83 -19.54 7.22 9.75
C LEU C 83 -21.02 7.49 9.52
N ALA C 84 -21.45 8.75 9.64
CA ALA C 84 -22.85 9.08 9.35
C ALA C 84 -23.20 8.80 7.89
N ILE C 85 -22.31 9.16 6.98
CA ILE C 85 -22.47 8.79 5.57
C ILE C 85 -22.53 7.29 5.43
N ASN C 86 -21.62 6.57 6.10
CA ASN C 86 -21.56 5.12 5.97
C ASN C 86 -22.84 4.46 6.49
N ARG C 87 -23.43 5.00 7.56
CA ARG C 87 -24.67 4.42 8.06
C ARG C 87 -25.81 4.56 7.06
N ALA C 88 -25.81 5.64 6.28
CA ALA C 88 -26.88 5.86 5.32
C ALA C 88 -26.67 5.09 4.01
N ARG C 89 -25.48 4.55 3.80
CA ARG C 89 -25.14 3.83 2.58
C ARG C 89 -25.63 2.39 2.63
N SER C 90 -25.79 1.80 1.45
CA SER C 90 -26.00 0.36 1.28
C SER C 90 -24.67 -0.31 0.94
N TRP C 91 -24.51 -1.56 1.36
CA TRP C 91 -23.19 -2.18 1.34
C TRP C 91 -23.24 -3.60 0.79
N ALA C 92 -22.16 -4.00 0.12
CA ALA C 92 -21.96 -5.38 -0.28
C ALA C 92 -20.55 -5.82 0.10
N ARG C 93 -20.38 -7.12 0.37
CA ARG C 93 -19.07 -7.63 0.72
C ARG C 93 -18.18 -7.72 -0.51
N ALA C 94 -16.92 -7.33 -0.37
CA ALA C 94 -15.91 -7.49 -1.40
C ALA C 94 -15.13 -8.78 -1.20
N ASP C 95 -14.47 -9.25 -2.26
CA ASP C 95 -13.73 -10.51 -2.17
C ASP C 95 -12.64 -10.46 -1.12
N ASN C 96 -12.05 -9.28 -0.87
CA ASN C 96 -10.99 -9.19 0.13
C ASN C 96 -11.50 -9.26 1.57
N GLY C 97 -12.81 -9.34 1.76
CA GLY C 97 -13.36 -9.45 3.09
C GLY C 97 -13.79 -8.13 3.71
N ALA C 98 -13.46 -7.00 3.10
CA ALA C 98 -14.02 -5.72 3.49
C ALA C 98 -15.31 -5.48 2.69
N MET C 99 -15.85 -4.26 2.72
CA MET C 99 -17.11 -3.94 2.07
CA MET C 99 -17.10 -3.96 2.05
C MET C 99 -16.92 -2.85 1.02
N ARG C 100 -17.88 -2.76 0.10
CA ARG C 100 -17.96 -1.68 -0.88
C ARG C 100 -19.39 -1.16 -0.94
N HIS C 101 -19.56 0.16 -0.92
CA HIS C 101 -20.92 0.66 -0.94
C HIS C 101 -21.57 0.52 -2.32
N ILE C 102 -22.89 0.46 -2.32
CA ILE C 102 -23.70 0.27 -3.51
C ILE C 102 -24.29 1.63 -3.90
N PRO C 103 -24.05 2.12 -5.11
CA PRO C 103 -24.45 3.49 -5.44
C PRO C 103 -25.97 3.70 -5.41
N GLY C 104 -26.37 4.79 -4.76
CA GLY C 104 -27.72 5.31 -4.92
C GLY C 104 -27.70 6.38 -5.99
N SER C 105 -28.36 7.51 -5.75
CA SER C 105 -28.34 8.58 -6.74
C SER C 105 -27.51 9.79 -6.28
N PRO D 8 -13.56 17.03 21.53
CA PRO D 8 -12.71 16.01 20.91
C PRO D 8 -12.94 14.66 21.60
N ALA D 9 -13.02 13.60 20.81
CA ALA D 9 -13.33 12.29 21.36
C ALA D 9 -12.04 11.55 21.73
N THR D 10 -12.15 10.62 22.68
CA THR D 10 -11.02 9.74 22.96
C THR D 10 -10.84 8.78 21.81
N VAL D 11 -9.62 8.29 21.63
CA VAL D 11 -9.39 7.35 20.53
C VAL D 11 -10.23 6.10 20.72
N ALA D 12 -10.40 5.66 21.99
CA ALA D 12 -11.17 4.45 22.28
C ALA D 12 -12.65 4.64 21.96
N GLU D 13 -13.20 5.82 22.24
CA GLU D 13 -14.59 6.09 21.88
C GLU D 13 -14.77 6.07 20.36
N LEU D 14 -13.81 6.61 19.61
CA LEU D 14 -13.93 6.53 18.17
C LEU D 14 -13.82 5.09 17.69
N GLN D 15 -12.93 4.31 18.31
CA GLN D 15 -12.88 2.87 18.00
C GLN D 15 -14.20 2.19 18.30
N ALA D 16 -14.84 2.56 19.40
CA ALA D 16 -16.13 1.94 19.73
C ALA D 16 -17.20 2.31 18.70
N GLU D 17 -17.20 3.57 18.25
CA GLU D 17 -18.19 3.98 17.27
C GLU D 17 -17.94 3.32 15.92
N ILE D 18 -16.68 3.22 15.50
CA ILE D 18 -16.37 2.50 14.27
C ILE D 18 -16.83 1.06 14.35
N ALA D 19 -16.47 0.38 15.45
CA ALA D 19 -16.78 -1.04 15.57
C ALA D 19 -18.28 -1.27 15.62
N ALA D 20 -19.03 -0.39 16.28
CA ALA D 20 -20.48 -0.55 16.35
C ALA D 20 -21.14 -0.41 14.99
N TRP D 21 -20.53 0.30 14.06
CA TRP D 21 -21.06 0.39 12.70
C TRP D 21 -20.69 -0.84 11.87
N ILE D 22 -19.41 -1.22 11.86
CA ILE D 22 -18.95 -2.24 10.92
C ILE D 22 -19.27 -3.66 11.41
N HIS D 23 -19.27 -3.88 12.73
CA HIS D 23 -19.44 -5.24 13.24
C HIS D 23 -20.74 -5.89 12.79
N PRO D 24 -21.91 -5.25 12.88
CA PRO D 24 -23.14 -5.90 12.40
C PRO D 24 -23.16 -6.12 10.89
N LEU D 25 -22.48 -5.26 10.11
CA LEU D 25 -22.45 -5.40 8.67
C LEU D 25 -21.45 -6.45 8.20
N ASN D 26 -20.36 -6.62 8.95
CA ASN D 26 -19.24 -7.47 8.55
C ASN D 26 -18.78 -8.24 9.77
N PRO D 27 -19.58 -9.21 10.23
CA PRO D 27 -19.29 -9.83 11.54
C PRO D 27 -18.02 -10.67 11.58
N ASP D 28 -17.49 -11.08 10.44
CA ASP D 28 -16.24 -11.84 10.44
C ASP D 28 -15.06 -11.01 9.92
N ARG D 29 -15.11 -9.69 10.07
CA ARG D 29 -14.02 -8.86 9.57
C ARG D 29 -12.70 -9.28 10.23
N ARG D 30 -11.63 -9.20 9.44
CA ARG D 30 -10.32 -9.69 9.83
C ARG D 30 -9.26 -8.62 9.58
N PRO D 31 -8.10 -8.74 10.24
CA PRO D 31 -7.00 -7.79 9.94
C PRO D 31 -6.58 -7.77 8.48
N GLY D 32 -6.53 -8.93 7.80
CA GLY D 32 -6.07 -8.95 6.42
C GLY D 32 -6.94 -8.12 5.48
N GLY D 33 -8.25 -8.28 5.58
CA GLY D 33 -9.15 -7.52 4.73
C GLY D 33 -9.21 -6.07 5.14
N THR D 34 -8.98 -5.79 6.42
CA THR D 34 -8.93 -4.40 6.89
C THR D 34 -7.70 -3.70 6.33
N ILE D 35 -6.56 -4.41 6.30
CA ILE D 35 -5.36 -3.84 5.69
C ILE D 35 -5.55 -3.67 4.18
N ALA D 36 -6.20 -4.64 3.52
CA ALA D 36 -6.48 -4.50 2.10
C ALA D 36 -7.28 -3.23 1.83
N LYS D 37 -8.34 -3.00 2.62
CA LYS D 37 -9.17 -1.84 2.39
C LYS D 37 -8.41 -0.56 2.73
N LEU D 38 -7.63 -0.60 3.81
CA LEU D 38 -6.78 0.53 4.16
C LEU D 38 -5.89 0.93 2.99
N LEU D 39 -5.31 -0.05 2.31
CA LEU D 39 -4.45 0.31 1.17
C LEU D 39 -5.25 0.92 0.03
N GLU D 40 -6.47 0.43 -0.24
CA GLU D 40 -7.36 1.09 -1.19
C GLU D 40 -7.57 2.55 -0.82
N GLU D 41 -7.87 2.82 0.46
CA GLU D 41 -8.23 4.18 0.82
C GLU D 41 -7.02 5.10 0.85
N ILE D 42 -5.84 4.59 1.19
CA ILE D 42 -4.63 5.42 1.04
C ILE D 42 -4.41 5.76 -0.43
N GLY D 43 -4.65 4.79 -1.33
CA GLY D 43 -4.59 5.08 -2.76
C GLY D 43 -5.51 6.22 -3.16
N GLU D 44 -6.74 6.23 -2.64
CA GLU D 44 -7.66 7.31 -2.96
C GLU D 44 -7.11 8.66 -2.50
N LEU D 45 -6.45 8.68 -1.34
CA LEU D 45 -5.89 9.93 -0.85
C LEU D 45 -4.75 10.39 -1.74
N ILE D 46 -3.92 9.46 -2.22
CA ILE D 46 -2.84 9.82 -3.14
C ILE D 46 -3.40 10.41 -4.42
N ALA D 47 -4.45 9.80 -4.96
CA ALA D 47 -4.98 10.21 -6.25
C ALA D 47 -5.84 11.46 -6.15
N SER D 48 -6.27 11.84 -4.96
CA SER D 48 -7.17 12.99 -4.79
C SER D 48 -6.52 14.30 -5.25
N ASP D 53 -9.08 17.28 2.13
CA ASP D 53 -9.97 16.16 1.82
C ASP D 53 -10.27 15.38 3.09
N PRO D 54 -11.04 15.98 3.99
CA PRO D 54 -11.21 15.37 5.33
C PRO D 54 -11.90 14.02 5.29
N LEU D 55 -12.90 13.82 4.43
CA LEU D 55 -13.59 12.53 4.39
C LEU D 55 -12.71 11.41 3.85
N GLU D 56 -11.73 11.73 3.00
CA GLU D 56 -10.79 10.71 2.54
C GLU D 56 -9.79 10.35 3.64
N VAL D 57 -9.26 11.36 4.34
CA VAL D 57 -8.49 11.10 5.55
C VAL D 57 -9.32 10.27 6.52
N ALA D 58 -10.62 10.57 6.62
CA ALA D 58 -11.48 9.79 7.51
C ALA D 58 -11.48 8.31 7.15
N ASP D 59 -11.60 7.98 5.86
CA ASP D 59 -11.56 6.58 5.43
C ASP D 59 -10.29 5.88 5.93
N VAL D 60 -9.14 6.54 5.77
CA VAL D 60 -7.89 5.94 6.22
C VAL D 60 -7.90 5.71 7.73
N LEU D 61 -8.36 6.69 8.50
CA LEU D 61 -8.34 6.58 9.96
C LEU D 61 -9.38 5.60 10.48
N ILE D 62 -10.55 5.53 9.84
CA ILE D 62 -11.57 4.55 10.22
C ILE D 62 -10.98 3.14 10.15
N LEU D 63 -10.24 2.85 9.08
CA LEU D 63 -9.65 1.53 8.93
C LEU D 63 -8.42 1.33 9.82
N ALA D 64 -7.57 2.34 9.93
CA ALA D 64 -6.40 2.17 10.79
C ALA D 64 -6.79 1.98 12.25
N LEU D 65 -7.81 2.71 12.72
CA LEU D 65 -8.22 2.55 14.11
C LEU D 65 -8.91 1.21 14.32
N ASP D 66 -9.69 0.76 13.33
CA ASP D 66 -10.36 -0.54 13.46
C ASP D 66 -9.36 -1.69 13.41
N LEU D 67 -8.28 -1.55 12.66
CA LEU D 67 -7.22 -2.53 12.71
C LEU D 67 -6.66 -2.67 14.12
N ALA D 68 -6.48 -1.55 14.82
CA ALA D 68 -6.03 -1.59 16.21
C ALA D 68 -7.04 -2.32 17.10
N THR D 69 -8.33 -2.05 16.90
CA THR D 69 -9.37 -2.78 17.62
C THR D 69 -9.26 -4.28 17.39
N LEU D 70 -9.08 -4.68 16.12
CA LEU D 70 -9.07 -6.11 15.79
C LEU D 70 -7.84 -6.81 16.37
N LEU D 71 -6.73 -6.10 16.48
CA LEU D 71 -5.50 -6.65 17.01
C LEU D 71 -5.38 -6.47 18.52
N GLY D 72 -6.39 -5.90 19.17
CA GLY D 72 -6.40 -5.73 20.61
C GLY D 72 -5.36 -4.76 21.13
N VAL D 73 -4.98 -3.75 20.35
CA VAL D 73 -3.91 -2.85 20.72
C VAL D 73 -4.51 -1.65 21.44
N ASP D 74 -4.07 -1.41 22.68
CA ASP D 74 -4.39 -0.19 23.41
C ASP D 74 -3.66 0.98 22.74
N VAL D 75 -4.41 1.84 22.06
CA VAL D 75 -3.77 2.82 21.18
C VAL D 75 -2.97 3.85 21.97
N THR D 76 -3.57 4.40 23.02
CA THR D 76 -2.86 5.41 23.82
C THR D 76 -1.56 4.84 24.36
N GLU D 77 -1.61 3.63 24.94
CA GLU D 77 -0.42 3.03 25.53
C GLU D 77 0.63 2.69 24.47
N ALA D 78 0.19 2.14 23.33
CA ALA D 78 1.13 1.75 22.29
C ALA D 78 1.82 2.96 21.67
N ILE D 79 1.05 4.01 21.34
CA ILE D 79 1.66 5.20 20.74
C ILE D 79 2.63 5.84 21.73
N ARG D 80 2.23 5.97 22.99
CA ARG D 80 3.14 6.56 23.98
C ARG D 80 4.41 5.72 24.14
N ALA D 81 4.27 4.40 24.14
CA ALA D 81 5.44 3.52 24.22
C ALA D 81 6.36 3.71 23.02
N LYS D 82 5.79 3.81 21.81
CA LYS D 82 6.65 3.94 20.65
C LYS D 82 7.24 5.35 20.56
N LEU D 83 6.51 6.37 21.00
CA LEU D 83 7.11 7.71 21.02
C LEU D 83 8.27 7.78 22.01
N ALA D 84 8.18 7.04 23.12
CA ALA D 84 9.31 7.00 24.06
C ALA D 84 10.52 6.36 23.41
N ILE D 85 10.31 5.31 22.62
CA ILE D 85 11.38 4.69 21.86
C ILE D 85 11.93 5.70 20.83
N ASN D 86 11.03 6.37 20.12
CA ASN D 86 11.47 7.32 19.09
C ASN D 86 12.27 8.48 19.69
N ARG D 87 11.91 8.92 20.91
CA ARG D 87 12.64 10.02 21.55
C ARG D 87 14.08 9.65 21.85
N ALA D 88 14.34 8.40 22.21
CA ALA D 88 15.69 7.93 22.51
C ALA D 88 16.51 7.60 21.28
N ARG D 89 15.86 7.47 20.12
CA ARG D 89 16.55 7.20 18.87
C ARG D 89 17.15 8.49 18.30
N SER D 90 18.17 8.33 17.47
CA SER D 90 18.66 9.41 16.62
C SER D 90 18.17 9.19 15.20
N TRP D 91 18.01 10.28 14.45
CA TRP D 91 17.25 10.24 13.20
C TRP D 91 18.01 10.88 12.05
N ALA D 92 17.80 10.34 10.85
CA ALA D 92 18.29 10.91 9.60
C ALA D 92 17.14 11.13 8.64
N ARG D 93 17.21 12.20 7.85
CA ARG D 93 16.16 12.50 6.89
C ARG D 93 16.25 11.59 5.67
N ALA D 94 15.14 10.95 5.33
CA ALA D 94 15.10 10.05 4.19
C ALA D 94 14.80 10.81 2.90
N ASP D 95 15.11 10.17 1.77
CA ASP D 95 14.87 10.79 0.47
C ASP D 95 13.39 11.10 0.25
N ASN D 96 12.48 10.32 0.85
CA ASN D 96 11.07 10.59 0.66
C ASN D 96 10.56 11.73 1.54
N GLY D 97 11.42 12.35 2.34
CA GLY D 97 11.03 13.44 3.21
C GLY D 97 10.67 13.04 4.62
N ALA D 98 10.45 11.75 4.87
CA ALA D 98 10.25 11.29 6.24
C ALA D 98 11.61 10.97 6.85
N MET D 99 11.67 10.16 7.91
CA MET D 99 12.92 9.91 8.61
C MET D 99 13.16 8.42 8.78
N ARG D 100 14.43 8.07 9.01
CA ARG D 100 14.81 6.71 9.38
C ARG D 100 15.76 6.78 10.55
N HIS D 101 15.54 5.95 11.57
CA HIS D 101 16.38 6.06 12.75
C HIS D 101 17.76 5.48 12.47
N ILE D 102 18.75 6.05 13.15
CA ILE D 102 20.14 5.63 12.99
C ILE D 102 20.37 4.46 13.93
N PRO D 103 20.71 3.26 13.42
CA PRO D 103 20.88 2.05 14.23
C PRO D 103 21.94 2.19 15.30
#